data_6D5X
#
_entry.id   6D5X
#
_cell.length_a   112.685
_cell.length_b   112.685
_cell.length_c   117.939
_cell.angle_alpha   90.000
_cell.angle_beta   90.000
_cell.angle_gamma   120.000
#
_symmetry.space_group_name_H-M   'P 31 2 1'
#
loop_
_entity.id
_entity.type
_entity.pdbx_description
1 polymer 'Cob(I)yrinic acid a,c-diamide adenosyltransferase, mitochondrial'
2 non-polymer "5'-DEOXYADENOSINE"
3 non-polymer COBALAMIN
4 non-polymer 'SULFATE ION'
5 non-polymer 'MAGNESIUM ION'
6 non-polymer TRIPHOSPHATE
7 non-polymer "ADENOSINE-5'-TRIPHOSPHATE"
8 water water
#
_entity_poly.entity_id   1
_entity_poly.type   'polypeptide(L)'
_entity_poly.pdbx_seq_one_letter_code
;MPKIYTKTGDKGFSSTFTGERRPKDDQVFEAVGTTDELSSAIGFALELVTEKGHTFAEELQKIQCTLQDVGSALATPCSS
AREAHLKYTTFKAGPILELEQWIDKYTSQLPPLTAFILPSGGKISSALHFCRAVCRRAERRVVPLVQMGETDANVAKFLN
RLSDYLFTLARYAAMKEGNQEKIYMKNDPSAESEGL
;
_entity_poly.pdbx_strand_id   A,B,C
#
# COMPACT_ATOMS: atom_id res chain seq x y z
N ASP A 25 3.10 17.03 -16.04
CA ASP A 25 4.34 16.69 -15.35
C ASP A 25 4.18 15.39 -14.54
N ASP A 26 5.28 14.67 -14.35
CA ASP A 26 5.22 13.39 -13.64
C ASP A 26 4.82 13.57 -12.19
N GLN A 27 5.23 14.66 -11.55
CA GLN A 27 4.84 14.91 -10.17
C GLN A 27 3.34 15.15 -10.05
N VAL A 28 2.75 15.86 -11.01
CA VAL A 28 1.30 16.05 -11.02
C VAL A 28 0.60 14.71 -11.13
N PHE A 29 1.08 13.85 -12.03
CA PHE A 29 0.48 12.53 -12.19
C PHE A 29 0.58 11.72 -10.91
N GLU A 30 1.74 11.77 -10.24
CA GLU A 30 1.91 11.00 -9.01
C GLU A 30 0.99 11.49 -7.90
N ALA A 31 0.90 12.82 -7.74
CA ALA A 31 0.02 13.37 -6.70
C ALA A 31 -1.45 13.02 -6.96
N VAL A 32 -1.89 13.17 -8.20
CA VAL A 32 -3.26 12.82 -8.56
C VAL A 32 -3.53 11.33 -8.34
N GLY A 33 -2.61 10.46 -8.77
CA GLY A 33 -2.79 9.04 -8.54
C GLY A 33 -2.87 8.68 -7.07
N THR A 34 -2.10 9.37 -6.23
CA THR A 34 -2.13 9.04 -4.81
C THR A 34 -3.42 9.53 -4.15
N THR A 35 -3.94 10.69 -4.57
CA THR A 35 -5.25 11.09 -4.06
C THR A 35 -6.34 10.11 -4.49
N ASP A 36 -6.23 9.61 -5.73
CA ASP A 36 -7.20 8.60 -6.18
C ASP A 36 -7.08 7.33 -5.35
N GLU A 37 -5.86 6.92 -5.03
CA GLU A 37 -5.65 5.74 -4.19
C GLU A 37 -6.27 5.95 -2.81
N LEU A 38 -6.13 7.15 -2.26
CA LEU A 38 -6.73 7.45 -0.96
C LEU A 38 -8.26 7.35 -1.02
N SER A 39 -8.86 7.92 -2.06
CA SER A 39 -10.31 7.86 -2.19
C SER A 39 -10.78 6.41 -2.31
N SER A 40 -10.02 5.58 -3.04
CA SER A 40 -10.41 4.18 -3.18
C SER A 40 -10.31 3.43 -1.85
N ALA A 41 -9.24 3.69 -1.09
CA ALA A 41 -9.13 3.09 0.24
C ALA A 41 -10.30 3.49 1.12
N ILE A 42 -10.70 4.75 1.06
CA ILE A 42 -11.83 5.20 1.87
C ILE A 42 -13.12 4.52 1.41
N GLY A 43 -13.28 4.30 0.10
CA GLY A 43 -14.45 3.57 -0.36
C GLY A 43 -14.52 2.15 0.18
N PHE A 44 -13.39 1.46 0.16
CA PHE A 44 -13.39 0.09 0.69
C PHE A 44 -13.69 0.10 2.18
N ALA A 45 -13.13 1.07 2.92
CA ALA A 45 -13.45 1.21 4.33
C ALA A 45 -14.95 1.42 4.53
N LEU A 46 -15.54 2.33 3.78
CA LEU A 46 -16.98 2.54 3.82
C LEU A 46 -17.74 1.23 3.66
N GLU A 47 -17.24 0.34 2.80
CA GLU A 47 -17.93 -0.95 2.62
C GLU A 47 -17.96 -1.79 3.88
N LEU A 48 -17.25 -1.41 4.95
CA LEU A 48 -17.21 -2.19 6.17
C LEU A 48 -18.21 -1.74 7.23
N VAL A 49 -18.97 -0.68 6.97
CA VAL A 49 -19.97 -0.23 7.93
C VAL A 49 -21.22 -1.11 7.75
N THR A 50 -21.55 -1.87 8.79
CA THR A 50 -22.66 -2.81 8.68
C THR A 50 -24.01 -2.15 8.92
N GLU A 51 -24.03 -1.00 9.57
CA GLU A 51 -25.26 -0.27 9.86
C GLU A 51 -25.36 0.99 9.00
N LYS A 52 -26.59 1.38 8.69
CA LYS A 52 -26.88 2.64 8.04
C LYS A 52 -27.23 3.70 9.07
N GLY A 53 -27.35 4.94 8.61
CA GLY A 53 -27.61 6.05 9.49
C GLY A 53 -26.39 6.62 10.19
N HIS A 54 -25.21 6.04 9.98
CA HIS A 54 -23.99 6.55 10.58
C HIS A 54 -23.59 7.88 9.94
N THR A 55 -23.49 8.93 10.76
CA THR A 55 -23.12 10.25 10.26
C THR A 55 -21.75 10.23 9.59
N PHE A 56 -20.79 9.51 10.19
CA PHE A 56 -19.43 9.56 9.67
C PHE A 56 -19.30 8.85 8.33
N ALA A 57 -20.25 7.99 7.97
CA ALA A 57 -20.29 7.46 6.61
C ALA A 57 -20.55 8.58 5.60
N GLU A 58 -21.54 9.43 5.89
CA GLU A 58 -21.78 10.61 5.05
C GLU A 58 -20.56 11.52 5.03
N GLU A 59 -19.89 11.67 6.17
CA GLU A 59 -18.69 12.50 6.22
C GLU A 59 -17.60 11.93 5.31
N LEU A 60 -17.42 10.61 5.32
CA LEU A 60 -16.42 10.00 4.46
C LEU A 60 -16.78 10.15 2.99
N GLN A 61 -18.07 10.08 2.65
CA GLN A 61 -18.45 10.25 1.25
C GLN A 61 -18.24 11.69 0.79
N LYS A 62 -18.57 12.66 1.67
CA LYS A 62 -18.28 14.05 1.36
C LYS A 62 -16.79 14.27 1.17
N ILE A 63 -15.97 13.57 1.95
CA ILE A 63 -14.52 13.65 1.78
C ILE A 63 -14.09 13.08 0.43
N GLN A 64 -14.74 12.00 -0.01
CA GLN A 64 -14.45 11.48 -1.35
C GLN A 64 -14.73 12.52 -2.43
N CYS A 65 -15.86 13.22 -2.31
CA CYS A 65 -16.17 14.30 -3.25
C CYS A 65 -15.10 15.39 -3.21
N THR A 66 -14.70 15.80 -2.00
CA THR A 66 -13.65 16.81 -1.88
C THR A 66 -12.34 16.32 -2.49
N LEU A 67 -12.08 15.01 -2.44
CA LEU A 67 -10.87 14.47 -3.05
C LEU A 67 -10.94 14.53 -4.58
N GLN A 68 -12.14 14.31 -5.13
CA GLN A 68 -12.35 14.58 -6.55
C GLN A 68 -11.98 16.03 -6.87
N ASP A 69 -12.40 16.97 -6.02
CA ASP A 69 -12.05 18.38 -6.23
C ASP A 69 -10.55 18.59 -6.12
N VAL A 70 -9.89 17.94 -5.16
CA VAL A 70 -8.44 18.05 -5.02
C VAL A 70 -7.75 17.58 -6.28
N GLY A 71 -8.20 16.44 -6.83
CA GLY A 71 -7.59 15.91 -8.04
C GLY A 71 -7.76 16.84 -9.23
N SER A 72 -8.95 17.43 -9.38
CA SER A 72 -9.13 18.37 -10.48
C SER A 72 -8.33 19.66 -10.26
N ALA A 73 -8.11 20.06 -9.00
CA ALA A 73 -7.30 21.25 -8.74
C ALA A 73 -5.83 21.01 -9.03
N LEU A 74 -5.34 19.78 -8.79
CA LEU A 74 -3.94 19.49 -9.04
C LEU A 74 -3.64 19.47 -10.54
N ALA A 75 -4.59 18.99 -11.35
CA ALA A 75 -4.38 18.87 -12.79
C ALA A 75 -4.70 20.20 -13.47
N THR A 76 -3.86 21.19 -13.20
CA THR A 76 -4.01 22.51 -13.81
C THR A 76 -3.65 22.48 -15.29
N LYS A 87 -0.96 30.64 -11.58
CA LYS A 87 -0.66 29.56 -12.51
C LYS A 87 -1.34 28.27 -12.05
N TYR A 88 -2.06 28.35 -10.93
CA TYR A 88 -2.69 27.19 -10.33
C TYR A 88 -4.18 27.44 -10.11
N THR A 89 -4.91 26.36 -9.86
CA THR A 89 -6.34 26.43 -9.64
C THR A 89 -6.64 26.84 -8.21
N THR A 90 -7.65 27.69 -8.05
CA THR A 90 -8.11 28.05 -6.71
C THR A 90 -8.83 26.87 -6.07
N PHE A 91 -8.63 26.72 -4.76
CA PHE A 91 -9.23 25.63 -3.99
C PHE A 91 -9.70 26.19 -2.66
N LYS A 92 -11.02 26.26 -2.47
CA LYS A 92 -11.60 26.95 -1.32
C LYS A 92 -11.30 26.20 -0.03
N ALA A 93 -11.32 26.94 1.08
CA ALA A 93 -10.84 26.46 2.37
C ALA A 93 -11.95 25.94 3.28
N GLY A 94 -13.21 26.00 2.85
CA GLY A 94 -14.33 25.52 3.64
C GLY A 94 -14.22 24.08 4.13
N PRO A 95 -13.87 23.14 3.24
CA PRO A 95 -13.70 21.75 3.68
C PRO A 95 -12.73 21.57 4.84
N ILE A 96 -11.68 22.38 4.92
CA ILE A 96 -10.75 22.30 6.04
C ILE A 96 -11.46 22.65 7.35
N LEU A 97 -12.31 23.68 7.32
CA LEU A 97 -13.09 24.01 8.51
C LEU A 97 -14.08 22.91 8.85
N GLU A 98 -14.70 22.30 7.84
CA GLU A 98 -15.58 21.15 8.10
C GLU A 98 -14.82 20.05 8.84
N LEU A 99 -13.62 19.73 8.36
CA LEU A 99 -12.79 18.73 9.00
C LEU A 99 -12.49 19.10 10.44
N GLU A 100 -12.14 20.36 10.69
CA GLU A 100 -11.78 20.77 12.04
C GLU A 100 -12.97 20.69 12.99
N GLN A 101 -14.16 21.07 12.51
CA GLN A 101 -15.37 20.94 13.32
C GLN A 101 -15.63 19.48 13.68
N TRP A 102 -15.55 18.59 12.68
CA TRP A 102 -15.77 17.17 12.93
C TRP A 102 -14.74 16.61 13.91
N ILE A 103 -13.48 17.03 13.77
CA ILE A 103 -12.42 16.60 14.67
C ILE A 103 -12.74 17.00 16.10
N ASP A 104 -13.20 18.24 16.30
CA ASP A 104 -13.54 18.67 17.66
C ASP A 104 -14.73 17.89 18.20
N LYS A 105 -15.69 17.62 17.35
CA LYS A 105 -16.83 16.90 17.78
C LYS A 105 -16.45 15.55 18.27
N TYR A 106 -15.57 14.87 17.57
CA TYR A 106 -15.15 13.53 17.98
C TYR A 106 -14.19 13.57 19.16
N THR A 107 -13.32 14.59 19.21
CA THR A 107 -12.36 14.69 20.31
C THR A 107 -13.05 14.88 21.64
N SER A 108 -14.11 15.69 21.68
CA SER A 108 -14.80 15.94 22.94
C SER A 108 -15.51 14.69 23.47
N GLN A 109 -15.52 13.60 22.72
CA GLN A 109 -16.13 12.35 23.16
C GLN A 109 -15.10 11.30 23.59
N LEU A 110 -13.82 11.56 23.41
CA LEU A 110 -12.78 10.57 23.62
C LEU A 110 -11.96 10.89 24.87
N PRO A 111 -11.36 9.88 25.50
CA PRO A 111 -10.50 10.15 26.64
C PRO A 111 -9.18 10.74 26.18
N PRO A 112 -8.45 11.43 27.06
CA PRO A 112 -7.15 11.98 26.67
C PRO A 112 -6.21 10.88 26.20
N LEU A 113 -5.39 11.21 25.21
CA LEU A 113 -4.39 10.30 24.67
C LEU A 113 -3.04 11.01 24.66
N THR A 114 -2.05 10.37 25.26
CA THR A 114 -0.74 10.99 25.43
C THR A 114 0.40 10.21 24.77
N ALA A 115 0.12 9.05 24.17
CA ALA A 115 1.17 8.19 23.63
C ALA A 115 0.70 7.55 22.33
N PHE A 116 1.64 6.92 21.63
CA PHE A 116 1.32 6.19 20.41
C PHE A 116 0.46 4.97 20.72
N ILE A 117 -0.42 4.63 19.78
CA ILE A 117 -1.22 3.42 19.88
C ILE A 117 -0.87 2.51 18.69
N LEU A 118 -1.12 1.22 18.88
CA LEU A 118 -0.94 0.28 17.78
C LEU A 118 -2.14 0.35 16.85
N PRO A 119 -1.94 0.42 15.53
CA PRO A 119 -3.08 0.45 14.60
C PRO A 119 -3.95 -0.79 14.79
N SER A 120 -5.18 -0.57 15.26
CA SER A 120 -6.02 -1.64 15.77
C SER A 120 -7.44 -1.09 15.94
N GLY A 121 -8.28 -1.83 16.66
CA GLY A 121 -9.55 -1.34 17.13
C GLY A 121 -10.81 -1.82 16.41
N GLY A 122 -10.75 -2.94 15.70
CA GLY A 122 -11.87 -3.38 14.91
C GLY A 122 -11.64 -3.15 13.43
N LYS A 123 -12.49 -3.78 12.61
CA LYS A 123 -12.30 -3.73 11.16
C LYS A 123 -12.27 -2.30 10.65
N ILE A 124 -13.29 -1.50 11.04
CA ILE A 124 -13.38 -0.13 10.55
C ILE A 124 -12.21 0.70 11.04
N SER A 125 -11.82 0.52 12.31
CA SER A 125 -10.72 1.31 12.85
C SER A 125 -9.39 0.98 12.16
N SER A 126 -9.13 -0.29 11.90
CA SER A 126 -7.91 -0.68 11.20
C SER A 126 -7.90 -0.15 9.77
N ALA A 127 -9.03 -0.28 9.07
CA ALA A 127 -9.11 0.25 7.72
C ALA A 127 -8.86 1.76 7.72
N LEU A 128 -9.36 2.46 8.74
CA LEU A 128 -9.18 3.90 8.79
C LEU A 128 -7.74 4.28 9.11
N HIS A 129 -7.05 3.47 9.90
CA HIS A 129 -5.62 3.73 10.12
C HIS A 129 -4.83 3.56 8.83
N PHE A 130 -5.18 2.53 8.04
CA PHE A 130 -4.52 2.36 6.75
C PHE A 130 -4.81 3.54 5.81
N CYS A 131 -6.07 4.00 5.82
CA CYS A 131 -6.42 5.20 5.05
C CYS A 131 -5.61 6.41 5.50
N ARG A 132 -5.41 6.55 6.80
CA ARG A 132 -4.60 7.64 7.34
C ARG A 132 -3.17 7.59 6.81
N ALA A 133 -2.57 6.40 6.80
CA ALA A 133 -1.22 6.25 6.23
C ALA A 133 -1.19 6.66 4.75
N VAL A 134 -2.19 6.20 3.97
CA VAL A 134 -2.22 6.54 2.55
C VAL A 134 -2.41 8.04 2.37
N CYS A 135 -3.19 8.66 3.24
CA CYS A 135 -3.42 10.10 3.15
C CYS A 135 -2.14 10.89 3.43
N ARG A 136 -1.35 10.42 4.39
CA ARG A 136 -0.08 11.09 4.65
C ARG A 136 0.90 10.91 3.47
N ARG A 137 0.85 9.74 2.81
CA ARG A 137 1.63 9.59 1.59
C ARG A 137 1.19 10.60 0.52
N ALA A 138 -0.13 10.80 0.38
CA ALA A 138 -0.62 11.77 -0.59
C ALA A 138 -0.16 13.18 -0.25
N GLU A 139 -0.14 13.52 1.04
CA GLU A 139 0.37 14.82 1.44
C GLU A 139 1.84 14.99 1.06
N ARG A 140 2.64 13.93 1.26
CA ARG A 140 4.04 13.99 0.84
C ARG A 140 4.17 14.20 -0.67
N ARG A 141 3.24 13.64 -1.44
CA ARG A 141 3.28 13.85 -2.89
C ARG A 141 2.83 15.26 -3.28
N VAL A 142 1.98 15.89 -2.49
CA VAL A 142 1.50 17.22 -2.87
C VAL A 142 2.47 18.32 -2.47
N VAL A 143 3.21 18.12 -1.36
CA VAL A 143 4.06 19.20 -0.82
C VAL A 143 4.97 19.85 -1.87
N PRO A 144 5.74 19.10 -2.68
CA PRO A 144 6.66 19.79 -3.61
C PRO A 144 5.94 20.60 -4.67
N LEU A 145 4.74 20.19 -5.09
CA LEU A 145 3.94 20.98 -6.00
C LEU A 145 3.60 22.34 -5.39
N VAL A 146 3.16 22.35 -4.13
CA VAL A 146 2.87 23.61 -3.45
C VAL A 146 4.11 24.47 -3.32
N GLN A 147 5.25 23.85 -2.97
CA GLN A 147 6.45 24.66 -2.77
C GLN A 147 7.05 25.12 -4.08
N MET A 148 6.66 24.52 -5.21
CA MET A 148 6.99 25.07 -6.52
C MET A 148 6.02 26.16 -6.96
N GLY A 149 4.96 26.41 -6.20
CA GLY A 149 3.94 27.34 -6.60
C GLY A 149 3.01 26.85 -7.69
N GLU A 150 2.98 25.54 -7.96
CA GLU A 150 2.14 24.99 -9.02
C GLU A 150 0.75 24.61 -8.55
N THR A 151 0.47 24.68 -7.25
CA THR A 151 -0.86 24.34 -6.75
C THR A 151 -1.09 25.08 -5.43
N ASP A 152 -2.37 25.26 -5.11
CA ASP A 152 -2.76 26.05 -3.95
C ASP A 152 -2.39 25.34 -2.65
N ALA A 153 -1.90 26.12 -1.68
CA ALA A 153 -1.48 25.55 -0.40
C ALA A 153 -2.63 24.90 0.35
N ASN A 154 -3.86 25.34 0.07
CA ASN A 154 -5.01 24.80 0.78
C ASN A 154 -5.19 23.31 0.52
N VAL A 155 -4.76 22.82 -0.64
CA VAL A 155 -4.80 21.38 -0.91
C VAL A 155 -3.94 20.63 0.11
N ALA A 156 -2.71 21.12 0.31
CA ALA A 156 -1.80 20.49 1.27
C ALA A 156 -2.36 20.53 2.68
N LYS A 157 -2.86 21.69 3.11
CA LYS A 157 -3.38 21.72 4.48
C LYS A 157 -4.67 20.92 4.63
N PHE A 158 -5.44 20.74 3.56
CA PHE A 158 -6.58 19.83 3.61
C PHE A 158 -6.12 18.40 3.86
N LEU A 159 -5.10 17.94 3.11
CA LEU A 159 -4.61 16.58 3.32
C LEU A 159 -4.05 16.40 4.72
N ASN A 160 -3.39 17.43 5.25
CA ASN A 160 -2.89 17.40 6.63
C ASN A 160 -4.03 17.20 7.63
N ARG A 161 -4.98 18.10 7.60
CA ARG A 161 -6.07 18.00 8.50
C ARG A 161 -6.77 16.70 8.36
N LEU A 162 -6.77 16.17 7.16
CA LEU A 162 -7.40 14.93 6.89
C LEU A 162 -6.76 13.75 7.57
N SER A 163 -5.45 13.77 7.72
CA SER A 163 -4.82 12.68 8.40
C SER A 163 -5.26 12.77 9.78
N ASP A 164 -5.33 13.97 10.32
CA ASP A 164 -5.77 14.09 11.71
C ASP A 164 -7.21 13.61 11.89
N TYR A 165 -8.10 13.97 10.97
CA TYR A 165 -9.49 13.51 11.06
C TYR A 165 -9.58 12.00 11.04
N LEU A 166 -8.81 11.37 10.16
CA LEU A 166 -8.88 9.90 10.04
C LEU A 166 -8.38 9.25 11.33
N PHE A 167 -7.32 9.78 11.93
CA PHE A 167 -6.86 9.24 13.20
C PHE A 167 -7.96 9.33 14.27
N THR A 168 -8.53 10.53 14.42
CA THR A 168 -9.55 10.70 15.45
C THR A 168 -10.76 9.80 15.20
N LEU A 169 -11.18 9.68 13.95
CA LEU A 169 -12.35 8.88 13.63
C LEU A 169 -12.09 7.39 13.86
N ALA A 170 -10.86 6.94 13.61
CA ALA A 170 -10.52 5.56 13.93
C ALA A 170 -10.63 5.31 15.43
N ARG A 171 -10.08 6.24 16.24
CA ARG A 171 -10.23 6.11 17.69
C ARG A 171 -11.70 6.08 18.09
N TYR A 172 -12.51 6.92 17.47
CA TYR A 172 -13.92 7.02 17.85
C TYR A 172 -14.70 5.76 17.46
N ALA A 173 -14.41 5.21 16.28
CA ALA A 173 -15.05 3.98 15.87
C ALA A 173 -14.66 2.83 16.79
N ALA A 174 -13.39 2.79 17.21
CA ALA A 174 -12.98 1.76 18.17
C ALA A 174 -13.70 1.92 19.49
N MET A 175 -13.87 3.16 19.95
CA MET A 175 -14.58 3.39 21.21
C MET A 175 -16.04 2.95 21.10
N LYS A 176 -16.71 3.26 19.99
CA LYS A 176 -18.13 2.96 19.88
C LYS A 176 -18.40 1.47 19.78
N GLU A 177 -17.41 0.66 19.44
CA GLU A 177 -17.56 -0.79 19.43
C GLU A 177 -17.06 -1.44 20.71
N GLY A 178 -16.58 -0.65 21.66
CA GLY A 178 -16.06 -1.21 22.90
C GLY A 178 -14.74 -1.93 22.76
N ASN A 179 -13.94 -1.57 21.76
CA ASN A 179 -12.71 -2.28 21.47
C ASN A 179 -11.52 -1.64 22.18
N GLN A 180 -10.48 -2.46 22.37
CA GLN A 180 -9.37 -2.14 23.25
C GLN A 180 -8.31 -1.32 22.52
N GLU A 181 -7.84 -0.27 23.18
CA GLU A 181 -6.84 0.64 22.63
C GLU A 181 -5.47 0.20 23.15
N LYS A 182 -4.64 -0.32 22.25
CA LYS A 182 -3.37 -0.92 22.63
C LYS A 182 -2.26 0.14 22.63
N ILE A 183 -1.62 0.33 23.78
CA ILE A 183 -0.48 1.25 23.91
C ILE A 183 0.75 0.45 24.29
N TYR A 184 1.80 0.58 23.51
CA TYR A 184 3.08 -0.05 23.78
C TYR A 184 4.08 0.99 24.25
N MET A 185 4.91 0.60 25.23
CA MET A 185 5.93 1.50 25.77
C MET A 185 7.32 1.04 25.37
N LYS B 3 17.61 -23.13 4.34
CA LYS B 3 16.81 -22.05 4.88
C LYS B 3 16.23 -21.19 3.77
N ILE B 4 15.07 -20.58 4.05
CA ILE B 4 14.31 -19.87 3.03
C ILE B 4 15.02 -18.59 2.60
N TYR B 5 15.70 -17.93 3.53
CA TYR B 5 16.42 -16.69 3.28
C TYR B 5 17.91 -16.98 3.15
N THR B 6 18.61 -16.11 2.40
CA THR B 6 20.05 -16.26 2.21
C THR B 6 20.87 -15.27 3.02
N LYS B 7 20.29 -14.12 3.38
CA LYS B 7 20.90 -13.00 4.10
C LYS B 7 21.78 -12.16 3.17
N THR B 8 21.91 -12.52 1.89
CA THR B 8 22.73 -11.76 0.96
C THR B 8 22.17 -10.37 0.66
N GLY B 9 20.94 -10.09 1.06
CA GLY B 9 20.35 -8.78 0.88
C GLY B 9 20.27 -7.96 2.15
N ASP B 10 20.96 -8.36 3.21
CA ASP B 10 20.91 -7.64 4.48
C ASP B 10 21.62 -6.29 4.43
N LYS B 11 22.56 -6.10 3.51
CA LYS B 11 23.25 -4.83 3.37
C LYS B 11 22.53 -3.86 2.44
N GLY B 12 21.41 -4.26 1.85
CA GLY B 12 20.63 -3.37 1.00
C GLY B 12 20.87 -3.51 -0.49
N PHE B 13 21.52 -4.58 -0.94
CA PHE B 13 21.79 -4.82 -2.36
C PHE B 13 21.08 -6.10 -2.78
N SER B 14 20.76 -6.19 -4.06
CA SER B 14 20.08 -7.37 -4.58
C SER B 14 20.49 -7.57 -6.03
N SER B 15 19.93 -8.61 -6.64
CA SER B 15 20.33 -9.04 -7.98
C SER B 15 19.18 -8.83 -8.96
N THR B 16 19.53 -8.38 -10.17
CA THR B 16 18.64 -8.46 -11.31
C THR B 16 18.76 -9.84 -11.96
N PHE B 17 17.88 -10.10 -12.92
CA PHE B 17 17.93 -11.38 -13.63
C PHE B 17 19.09 -11.48 -14.61
N THR B 18 19.84 -10.40 -14.82
CA THR B 18 21.08 -10.49 -15.59
C THR B 18 22.29 -10.76 -14.71
N GLY B 19 22.10 -10.90 -13.39
CA GLY B 19 23.19 -11.16 -12.47
C GLY B 19 23.85 -9.91 -11.91
N GLU B 20 23.44 -8.74 -12.37
CA GLU B 20 23.98 -7.48 -11.88
C GLU B 20 23.41 -7.16 -10.51
N ARG B 21 24.26 -6.64 -9.63
CA ARG B 21 23.86 -6.30 -8.27
C ARG B 21 23.68 -4.78 -8.14
N ARG B 22 22.52 -4.38 -7.62
CA ARG B 22 22.16 -2.98 -7.48
C ARG B 22 21.59 -2.72 -6.09
N PRO B 23 21.62 -1.45 -5.64
CA PRO B 23 20.93 -1.12 -4.39
C PRO B 23 19.44 -1.34 -4.54
N LYS B 24 18.79 -1.67 -3.41
CA LYS B 24 17.39 -2.05 -3.44
C LYS B 24 16.45 -0.88 -3.75
N ASP B 25 16.92 0.36 -3.77
CA ASP B 25 16.10 1.49 -4.15
C ASP B 25 16.15 1.80 -5.64
N ASP B 26 16.82 0.95 -6.43
CA ASP B 26 16.89 1.15 -7.88
C ASP B 26 15.49 1.09 -8.50
N GLN B 27 15.32 1.83 -9.59
N GLN B 27 15.30 1.80 -9.61
CA GLN B 27 14.04 1.88 -10.30
CA GLN B 27 13.96 1.85 -10.19
C GLN B 27 13.51 0.49 -10.62
C GLN B 27 13.49 0.48 -10.66
N VAL B 28 14.41 -0.42 -11.00
CA VAL B 28 14.01 -1.77 -11.40
C VAL B 28 13.27 -2.47 -10.28
N PHE B 29 13.76 -2.33 -9.05
CA PHE B 29 13.11 -2.96 -7.92
C PHE B 29 11.83 -2.23 -7.51
N GLU B 30 11.77 -0.92 -7.68
CA GLU B 30 10.50 -0.22 -7.45
C GLU B 30 9.41 -0.73 -8.39
N ALA B 31 9.77 -0.93 -9.67
CA ALA B 31 8.79 -1.41 -10.63
C ALA B 31 8.38 -2.85 -10.31
N VAL B 32 9.35 -3.72 -10.02
CA VAL B 32 9.04 -5.11 -9.71
C VAL B 32 8.18 -5.19 -8.45
N GLY B 33 8.54 -4.43 -7.42
CA GLY B 33 7.78 -4.48 -6.18
C GLY B 33 6.37 -3.94 -6.32
N THR B 34 6.18 -2.89 -7.14
CA THR B 34 4.83 -2.38 -7.29
C THR B 34 3.97 -3.34 -8.10
N THR B 35 4.56 -4.04 -9.09
CA THR B 35 3.82 -5.09 -9.77
C THR B 35 3.42 -6.19 -8.79
N ASP B 36 4.33 -6.54 -7.88
CA ASP B 36 4.02 -7.54 -6.87
C ASP B 36 2.87 -7.08 -5.97
N GLU B 37 2.88 -5.81 -5.58
CA GLU B 37 1.83 -5.24 -4.75
C GLU B 37 0.48 -5.29 -5.46
N LEU B 38 0.47 -4.98 -6.76
CA LEU B 38 -0.76 -5.09 -7.54
C LEU B 38 -1.28 -6.53 -7.52
N SER B 39 -0.39 -7.50 -7.74
CA SER B 39 -0.83 -8.89 -7.73
C SER B 39 -1.42 -9.29 -6.38
N SER B 40 -0.85 -8.76 -5.29
CA SER B 40 -1.37 -9.10 -3.97
C SER B 40 -2.73 -8.46 -3.71
N ALA B 41 -2.91 -7.22 -4.16
CA ALA B 41 -4.22 -6.59 -4.04
C ALA B 41 -5.27 -7.37 -4.81
N ILE B 42 -4.92 -7.85 -6.01
CA ILE B 42 -5.85 -8.66 -6.79
C ILE B 42 -6.18 -9.96 -6.06
N GLY B 43 -5.19 -10.57 -5.40
CA GLY B 43 -5.46 -11.78 -4.64
C GLY B 43 -6.46 -11.56 -3.52
N PHE B 44 -6.27 -10.48 -2.75
CA PHE B 44 -7.22 -10.21 -1.68
C PHE B 44 -8.61 -9.93 -2.24
N ALA B 45 -8.69 -9.14 -3.32
CA ALA B 45 -9.98 -8.90 -3.97
C ALA B 45 -10.64 -10.22 -4.39
N LEU B 46 -9.85 -11.16 -4.91
CA LEU B 46 -10.38 -12.47 -5.29
C LEU B 46 -10.98 -13.19 -4.10
N GLU B 47 -10.42 -12.99 -2.91
CA GLU B 47 -10.99 -13.64 -1.74
C GLU B 47 -12.39 -13.13 -1.37
N LEU B 48 -12.85 -12.02 -1.94
CA LEU B 48 -14.17 -11.48 -1.64
C LEU B 48 -15.32 -12.12 -2.43
N VAL B 49 -15.06 -12.88 -3.48
CA VAL B 49 -16.17 -13.38 -4.30
C VAL B 49 -16.91 -14.46 -3.52
N THR B 50 -18.22 -14.26 -3.33
CA THR B 50 -19.01 -15.15 -2.47
C THR B 50 -19.34 -16.46 -3.18
N GLU B 51 -19.92 -16.37 -4.37
CA GLU B 51 -20.29 -17.55 -5.13
C GLU B 51 -19.10 -18.11 -5.91
N LYS B 52 -19.29 -19.29 -6.47
CA LYS B 52 -18.24 -20.03 -7.16
C LYS B 52 -18.55 -20.10 -8.65
N GLY B 53 -17.49 -20.29 -9.43
CA GLY B 53 -17.65 -20.41 -10.87
C GLY B 53 -17.84 -19.10 -11.62
N HIS B 54 -17.14 -18.05 -11.20
CA HIS B 54 -17.25 -16.73 -11.83
C HIS B 54 -16.14 -16.59 -12.85
N THR B 55 -16.51 -16.27 -14.09
CA THR B 55 -15.51 -16.19 -15.17
C THR B 55 -14.44 -15.16 -14.83
N PHE B 56 -14.84 -14.02 -14.27
CA PHE B 56 -13.86 -12.97 -14.01
C PHE B 56 -12.88 -13.34 -12.91
N ALA B 57 -13.21 -14.32 -12.06
CA ALA B 57 -12.23 -14.81 -11.11
C ALA B 57 -11.10 -15.56 -11.82
N GLU B 58 -11.46 -16.43 -12.76
CA GLU B 58 -10.46 -17.08 -13.61
C GLU B 58 -9.64 -16.05 -14.36
N GLU B 59 -10.30 -14.99 -14.86
CA GLU B 59 -9.58 -13.95 -15.58
C GLU B 59 -8.57 -13.24 -14.67
N LEU B 60 -8.96 -12.92 -13.43
CA LEU B 60 -8.05 -12.27 -12.51
C LEU B 60 -6.86 -13.16 -12.16
N GLN B 61 -7.09 -14.48 -12.05
CA GLN B 61 -5.97 -15.38 -11.77
C GLN B 61 -5.01 -15.44 -12.95
N LYS B 62 -5.54 -15.49 -14.17
CA LYS B 62 -4.70 -15.40 -15.36
C LYS B 62 -3.88 -14.12 -15.34
N ILE B 63 -4.51 -13.01 -14.97
CA ILE B 63 -3.81 -11.73 -14.89
C ILE B 63 -2.68 -11.79 -13.86
N GLN B 64 -2.91 -12.48 -12.74
CA GLN B 64 -1.83 -12.61 -11.76
C GLN B 64 -0.62 -13.35 -12.35
N CYS B 65 -0.88 -14.42 -13.10
CA CYS B 65 0.23 -15.10 -13.78
C CYS B 65 0.96 -14.16 -14.73
N THR B 66 0.21 -13.40 -15.52
CA THR B 66 0.83 -12.43 -16.42
C THR B 66 1.64 -11.40 -15.64
N LEU B 67 1.20 -11.03 -14.44
CA LEU B 67 1.96 -10.08 -13.63
C LEU B 67 3.26 -10.67 -13.15
N GLN B 68 3.29 -11.98 -12.89
CA GLN B 68 4.57 -12.64 -12.64
C GLN B 68 5.49 -12.52 -13.84
N ASP B 69 4.94 -12.70 -15.04
CA ASP B 69 5.75 -12.54 -16.25
C ASP B 69 6.25 -11.11 -16.41
N VAL B 70 5.41 -10.13 -16.06
CA VAL B 70 5.78 -8.72 -16.17
C VAL B 70 6.89 -8.39 -15.18
N GLY B 71 6.81 -8.95 -13.97
CA GLY B 71 7.89 -8.78 -13.02
C GLY B 71 9.20 -9.37 -13.51
N SER B 72 9.12 -10.55 -14.15
CA SER B 72 10.33 -11.13 -14.71
C SER B 72 10.92 -10.25 -15.81
N ALA B 73 10.07 -9.69 -16.67
CA ALA B 73 10.56 -8.81 -17.72
C ALA B 73 11.23 -7.56 -17.14
N LEU B 74 10.59 -6.92 -16.17
CA LEU B 74 11.14 -5.71 -15.58
C LEU B 74 12.47 -5.97 -14.88
N ALA B 75 12.71 -7.19 -14.43
CA ALA B 75 13.94 -7.54 -13.73
C ALA B 75 15.12 -7.81 -14.67
N THR B 76 14.92 -7.81 -15.98
CA THR B 76 15.99 -7.97 -16.94
C THR B 76 16.09 -6.70 -17.78
N PRO B 77 16.78 -5.68 -17.29
CA PRO B 77 16.95 -4.45 -18.07
C PRO B 77 17.66 -4.73 -19.38
N CYS B 78 17.19 -4.07 -20.46
CA CYS B 78 17.70 -4.40 -21.79
C CYS B 78 19.16 -3.99 -21.97
N SER B 79 19.58 -2.84 -21.44
CA SER B 79 20.97 -2.45 -21.62
C SER B 79 21.91 -3.40 -20.90
N SER B 80 21.49 -3.95 -19.76
CA SER B 80 22.35 -4.87 -19.05
C SER B 80 22.24 -6.27 -19.63
N ALA B 81 21.17 -6.53 -20.38
CA ALA B 81 21.04 -7.79 -21.09
C ALA B 81 21.91 -7.81 -22.35
N ARG B 82 22.09 -6.64 -22.97
CA ARG B 82 23.02 -6.53 -24.09
C ARG B 82 24.45 -6.63 -23.58
N GLU B 83 24.72 -5.98 -22.45
CA GLU B 83 26.07 -6.05 -21.86
C GLU B 83 26.39 -7.47 -21.41
N ALA B 84 25.42 -8.16 -20.81
CA ALA B 84 25.58 -9.52 -20.29
C ALA B 84 25.58 -10.62 -21.35
N HIS B 85 25.36 -10.28 -22.62
CA HIS B 85 25.34 -11.17 -23.80
C HIS B 85 24.01 -11.92 -23.95
N LEU B 86 22.98 -11.57 -23.17
CA LEU B 86 21.71 -12.26 -23.16
C LEU B 86 20.81 -11.83 -24.32
N LYS B 87 19.68 -12.52 -24.45
CA LYS B 87 18.71 -12.23 -25.49
C LYS B 87 17.93 -10.93 -25.15
N TYR B 88 16.79 -10.75 -25.82
CA TYR B 88 16.05 -9.49 -25.84
C TYR B 88 15.03 -9.29 -24.71
N THR B 89 14.36 -10.34 -24.20
CA THR B 89 13.26 -10.18 -23.24
C THR B 89 12.11 -9.40 -23.90
N THR B 90 11.54 -10.05 -24.89
CA THR B 90 10.42 -9.52 -25.66
C THR B 90 9.11 -9.91 -24.97
N PHE B 91 8.36 -8.90 -24.55
CA PHE B 91 7.06 -9.10 -23.92
C PHE B 91 6.00 -9.11 -25.02
N LYS B 92 5.36 -10.26 -25.19
CA LYS B 92 4.42 -10.46 -26.29
C LYS B 92 3.10 -9.74 -26.04
N ALA B 93 2.36 -9.52 -27.13
CA ALA B 93 1.15 -8.71 -27.12
C ALA B 93 -0.13 -9.50 -26.84
N GLY B 94 -0.06 -10.82 -26.80
CA GLY B 94 -1.21 -11.68 -26.52
C GLY B 94 -2.09 -11.23 -25.37
N PRO B 95 -1.51 -11.10 -24.17
CA PRO B 95 -2.32 -10.69 -23.01
C PRO B 95 -3.04 -9.37 -23.19
N ILE B 96 -2.40 -8.39 -23.84
CA ILE B 96 -3.04 -7.09 -24.09
C ILE B 96 -4.33 -7.27 -24.90
N LEU B 97 -4.23 -8.02 -26.01
CA LEU B 97 -5.40 -8.28 -26.84
C LEU B 97 -6.48 -9.03 -26.06
N GLU B 98 -6.06 -9.98 -25.22
CA GLU B 98 -7.03 -10.70 -24.38
C GLU B 98 -7.79 -9.74 -23.47
N LEU B 99 -7.04 -8.83 -22.81
CA LEU B 99 -7.67 -7.82 -21.98
C LEU B 99 -8.66 -6.99 -22.78
N GLU B 100 -8.28 -6.61 -24.01
CA GLU B 100 -9.17 -5.77 -24.82
C GLU B 100 -10.47 -6.52 -25.13
N GLN B 101 -10.37 -7.82 -25.42
CA GLN B 101 -11.57 -8.62 -25.63
C GLN B 101 -12.47 -8.62 -24.40
N TRP B 102 -11.88 -8.88 -23.23
CA TRP B 102 -12.68 -8.91 -21.99
C TRP B 102 -13.31 -7.54 -21.71
N ILE B 103 -12.56 -6.47 -21.96
CA ILE B 103 -13.07 -5.12 -21.77
C ILE B 103 -14.29 -4.89 -22.64
N ASP B 104 -14.22 -5.28 -23.92
CA ASP B 104 -15.39 -5.14 -24.77
C ASP B 104 -16.57 -5.95 -24.23
N LYS B 105 -16.29 -7.16 -23.75
CA LYS B 105 -17.35 -8.00 -23.21
C LYS B 105 -18.11 -7.28 -22.10
N TYR B 106 -17.37 -6.77 -21.11
CA TYR B 106 -18.06 -6.12 -19.98
C TYR B 106 -18.66 -4.78 -20.38
N THR B 107 -17.97 -4.01 -21.23
CA THR B 107 -18.47 -2.69 -21.63
C THR B 107 -19.78 -2.80 -22.38
N SER B 108 -19.97 -3.86 -23.18
CA SER B 108 -21.20 -3.98 -23.92
C SER B 108 -22.42 -4.16 -23.03
N GLN B 109 -22.22 -4.47 -21.74
CA GLN B 109 -23.32 -4.77 -20.83
C GLN B 109 -23.64 -3.65 -19.84
N LEU B 110 -22.81 -2.62 -19.74
CA LEU B 110 -23.10 -1.59 -18.75
C LEU B 110 -23.92 -0.45 -19.34
N PRO B 111 -24.68 0.27 -18.51
CA PRO B 111 -25.30 1.49 -18.99
C PRO B 111 -24.25 2.56 -19.24
N PRO B 112 -24.52 3.51 -20.15
CA PRO B 112 -23.48 4.48 -20.49
C PRO B 112 -23.18 5.41 -19.33
N LEU B 113 -21.89 5.71 -19.15
CA LEU B 113 -21.42 6.47 -18.00
C LEU B 113 -20.84 7.79 -18.51
N THR B 114 -21.29 8.89 -17.92
CA THR B 114 -20.92 10.23 -18.40
C THR B 114 -20.05 11.03 -17.44
N ALA B 115 -20.12 10.76 -16.13
CA ALA B 115 -19.45 11.58 -15.13
C ALA B 115 -18.56 10.73 -14.25
N PHE B 116 -17.89 11.38 -13.30
CA PHE B 116 -16.99 10.69 -12.38
C PHE B 116 -17.76 9.86 -11.35
N ILE B 117 -17.17 8.71 -11.03
CA ILE B 117 -17.73 7.73 -10.11
C ILE B 117 -16.94 7.81 -8.80
N LEU B 118 -17.66 7.78 -7.69
CA LEU B 118 -16.90 7.61 -6.45
C LEU B 118 -16.61 6.13 -6.25
N PRO B 119 -15.40 5.79 -5.80
CA PRO B 119 -15.07 4.37 -5.53
C PRO B 119 -16.05 3.76 -4.54
N SER B 120 -16.79 2.76 -5.00
CA SER B 120 -17.90 2.18 -4.25
C SER B 120 -18.52 1.02 -5.00
N GLY B 121 -19.73 0.63 -4.62
CA GLY B 121 -20.48 -0.37 -5.34
C GLY B 121 -20.43 -1.78 -4.79
N GLY B 122 -20.17 -1.95 -3.50
CA GLY B 122 -20.04 -3.26 -2.90
C GLY B 122 -18.58 -3.64 -2.68
N LYS B 123 -18.40 -4.71 -1.90
CA LYS B 123 -17.07 -5.10 -1.45
C LYS B 123 -16.15 -5.39 -2.63
N ILE B 124 -16.60 -6.25 -3.55
CA ILE B 124 -15.79 -6.61 -4.73
C ILE B 124 -15.47 -5.36 -5.55
N SER B 125 -16.46 -4.51 -5.78
CA SER B 125 -16.27 -3.35 -6.64
C SER B 125 -15.27 -2.38 -6.04
N SER B 126 -15.41 -2.08 -4.76
CA SER B 126 -14.46 -1.17 -4.09
C SER B 126 -13.06 -1.75 -4.09
N ALA B 127 -12.94 -3.05 -3.81
CA ALA B 127 -11.63 -3.70 -3.86
C ALA B 127 -11.01 -3.56 -5.24
N LEU B 128 -11.82 -3.70 -6.29
CA LEU B 128 -11.27 -3.58 -7.64
C LEU B 128 -10.88 -2.15 -7.98
N HIS B 129 -11.58 -1.15 -7.41
CA HIS B 129 -11.14 0.23 -7.61
C HIS B 129 -9.80 0.49 -6.94
N PHE B 130 -9.60 -0.07 -5.75
CA PHE B 130 -8.29 0.03 -5.09
C PHE B 130 -7.21 -0.65 -5.93
N CYS B 131 -7.51 -1.85 -6.46
CA CYS B 131 -6.58 -2.51 -7.37
C CYS B 131 -6.24 -1.63 -8.56
N ARG B 132 -7.24 -0.91 -9.09
CA ARG B 132 -7.02 -0.04 -10.23
C ARG B 132 -6.04 1.09 -9.89
N ALA B 133 -6.16 1.63 -8.68
CA ALA B 133 -5.25 2.71 -8.31
C ALA B 133 -3.82 2.19 -8.14
N VAL B 134 -3.68 0.99 -7.58
CA VAL B 134 -2.34 0.42 -7.42
C VAL B 134 -1.75 0.10 -8.79
N CYS B 135 -2.59 -0.35 -9.72
CA CYS B 135 -2.13 -0.66 -11.07
C CYS B 135 -1.62 0.60 -11.77
N ARG B 136 -2.31 1.73 -11.56
CA ARG B 136 -1.84 2.96 -12.17
C ARG B 136 -0.54 3.43 -11.55
N ARG B 137 -0.36 3.19 -10.25
CA ARG B 137 0.94 3.47 -9.65
C ARG B 137 2.04 2.61 -10.28
N ALA B 138 1.77 1.33 -10.51
CA ALA B 138 2.75 0.47 -11.16
C ALA B 138 3.09 0.97 -12.56
N GLU B 139 2.08 1.42 -13.30
CA GLU B 139 2.32 1.99 -14.63
C GLU B 139 3.25 3.20 -14.56
N ARG B 140 3.01 4.08 -13.58
CA ARG B 140 3.90 5.23 -13.40
C ARG B 140 5.32 4.80 -13.05
N ARG B 141 5.47 3.66 -12.37
CA ARG B 141 6.83 3.19 -12.09
C ARG B 141 7.49 2.58 -13.33
N VAL B 142 6.69 2.02 -14.24
CA VAL B 142 7.26 1.38 -15.43
C VAL B 142 7.64 2.41 -16.49
N VAL B 143 6.92 3.53 -16.58
CA VAL B 143 7.13 4.47 -17.70
C VAL B 143 8.57 4.98 -17.80
N PRO B 144 9.24 5.39 -16.71
CA PRO B 144 10.64 5.83 -16.87
C PRO B 144 11.57 4.76 -17.39
N LEU B 145 11.32 3.48 -17.07
CA LEU B 145 12.16 2.41 -17.62
C LEU B 145 11.98 2.29 -19.12
N VAL B 146 10.74 2.46 -19.61
CA VAL B 146 10.51 2.42 -21.05
C VAL B 146 11.18 3.59 -21.73
N GLN B 147 11.08 4.79 -21.14
CA GLN B 147 11.70 5.95 -21.77
C GLN B 147 13.23 5.89 -21.78
N MET B 148 13.83 4.94 -21.07
CA MET B 148 15.28 4.75 -21.10
C MET B 148 15.73 3.62 -22.01
N GLY B 149 14.79 2.89 -22.62
CA GLY B 149 15.17 1.74 -23.39
C GLY B 149 15.48 0.51 -22.58
N GLU B 150 15.06 0.46 -21.32
CA GLU B 150 15.36 -0.66 -20.45
C GLU B 150 14.28 -1.74 -20.47
N THR B 151 13.08 -1.42 -20.94
CA THR B 151 11.95 -2.35 -20.90
C THR B 151 11.10 -2.20 -22.16
N ASP B 152 10.60 -3.33 -22.66
CA ASP B 152 9.67 -3.31 -23.78
C ASP B 152 8.45 -2.45 -23.45
N ALA B 153 8.03 -1.65 -24.43
CA ALA B 153 6.87 -0.77 -24.25
C ALA B 153 5.59 -1.56 -24.04
N ASN B 154 5.53 -2.80 -24.54
CA ASN B 154 4.34 -3.62 -24.37
C ASN B 154 4.02 -3.87 -22.89
N VAL B 155 5.03 -3.79 -22.01
CA VAL B 155 4.78 -3.95 -20.58
C VAL B 155 3.91 -2.81 -20.06
N ALA B 156 4.29 -1.58 -20.43
CA ALA B 156 3.50 -0.41 -20.04
C ALA B 156 2.12 -0.45 -20.69
N LYS B 157 2.06 -0.90 -21.96
CA LYS B 157 0.76 -1.03 -22.61
C LYS B 157 -0.15 -2.00 -21.85
N PHE B 158 0.40 -3.14 -21.42
CA PHE B 158 -0.40 -4.10 -20.66
C PHE B 158 -0.92 -3.49 -19.38
N LEU B 159 -0.06 -2.78 -18.65
CA LEU B 159 -0.53 -2.22 -17.38
C LEU B 159 -1.58 -1.14 -17.61
N ASN B 160 -1.41 -0.33 -18.65
CA ASN B 160 -2.41 0.69 -18.97
C ASN B 160 -3.75 0.05 -19.32
N ARG B 161 -3.73 -1.04 -20.08
CA ARG B 161 -4.98 -1.71 -20.44
C ARG B 161 -5.60 -2.41 -19.22
N LEU B 162 -4.77 -2.90 -18.31
CA LEU B 162 -5.29 -3.53 -17.09
C LEU B 162 -6.01 -2.52 -16.21
N SER B 163 -5.55 -1.26 -16.20
CA SER B 163 -6.28 -0.22 -15.49
C SER B 163 -7.73 -0.14 -15.97
N ASP B 164 -7.94 -0.15 -17.28
CA ASP B 164 -9.29 -0.02 -17.83
C ASP B 164 -10.09 -1.29 -17.58
N TYR B 165 -9.43 -2.45 -17.68
CA TYR B 165 -10.09 -3.71 -17.35
C TYR B 165 -10.64 -3.67 -15.94
N LEU B 166 -9.83 -3.21 -14.98
CA LEU B 166 -10.27 -3.21 -13.59
C LEU B 166 -11.38 -2.20 -13.34
N PHE B 167 -11.33 -1.03 -13.98
CA PHE B 167 -12.44 -0.08 -13.84
C PHE B 167 -13.74 -0.69 -14.37
N THR B 168 -13.68 -1.28 -15.56
CA THR B 168 -14.88 -1.84 -16.18
C THR B 168 -15.41 -3.02 -15.37
N LEU B 169 -14.51 -3.85 -14.83
CA LEU B 169 -14.94 -4.98 -14.03
C LEU B 169 -15.57 -4.54 -12.71
N ALA B 170 -15.06 -3.46 -12.12
CA ALA B 170 -15.70 -2.89 -10.93
C ALA B 170 -17.13 -2.48 -11.24
N ARG B 171 -17.32 -1.75 -12.36
CA ARG B 171 -18.69 -1.37 -12.71
C ARG B 171 -19.57 -2.59 -12.98
N TYR B 172 -19.01 -3.62 -13.62
CA TYR B 172 -19.79 -4.83 -13.93
C TYR B 172 -20.24 -5.53 -12.66
N ALA B 173 -19.33 -5.67 -11.68
CA ALA B 173 -19.68 -6.31 -10.42
C ALA B 173 -20.73 -5.51 -9.67
N ALA B 174 -20.56 -4.18 -9.65
CA ALA B 174 -21.56 -3.34 -8.98
C ALA B 174 -22.93 -3.49 -9.63
N MET B 175 -22.97 -3.55 -10.96
CA MET B 175 -24.25 -3.71 -11.65
C MET B 175 -24.88 -5.06 -11.34
N LYS B 176 -24.05 -6.11 -11.25
CA LYS B 176 -24.60 -7.44 -10.98
C LYS B 176 -25.08 -7.57 -9.54
N GLU B 177 -24.46 -6.87 -8.60
CA GLU B 177 -24.93 -6.92 -7.22
C GLU B 177 -26.14 -6.04 -6.95
N GLY B 178 -26.58 -5.24 -7.92
CA GLY B 178 -27.65 -4.31 -7.66
C GLY B 178 -27.21 -3.08 -6.90
N ASN B 179 -25.91 -2.88 -6.70
CA ASN B 179 -25.39 -1.67 -6.08
C ASN B 179 -25.29 -0.55 -7.11
N GLN B 180 -25.72 0.64 -6.74
CA GLN B 180 -25.51 1.84 -7.54
C GLN B 180 -24.29 2.61 -7.05
N GLU B 181 -23.47 3.11 -7.94
CA GLU B 181 -22.32 3.87 -7.48
C GLU B 181 -22.70 5.31 -7.46
N LYS B 182 -22.00 6.09 -6.65
CA LYS B 182 -22.31 7.49 -6.50
C LYS B 182 -21.56 8.42 -7.37
N ILE B 183 -22.03 9.66 -7.45
CA ILE B 183 -21.45 10.72 -8.28
C ILE B 183 -21.37 12.04 -7.54
N TYR B 184 -21.27 13.13 -8.30
CA TYR B 184 -21.26 14.54 -7.85
C TYR B 184 -20.05 15.07 -7.11
N MET B 185 -20.32 16.04 -6.24
CA MET B 185 -19.37 16.71 -5.40
C MET B 185 -19.93 16.68 -3.99
N LYS C 7 -1.78 23.49 13.70
CA LYS C 7 -1.59 24.05 12.36
C LYS C 7 -0.12 24.10 11.95
N THR C 8 0.76 23.62 12.82
CA THR C 8 2.18 23.58 12.48
C THR C 8 2.38 22.64 11.30
N GLY C 9 3.29 22.98 10.41
CA GLY C 9 3.53 22.14 9.27
C GLY C 9 2.54 22.32 8.13
N ASP C 10 1.69 23.35 8.19
CA ASP C 10 0.79 23.64 7.08
C ASP C 10 1.57 24.14 5.88
N LYS C 11 2.80 24.52 6.13
CA LYS C 11 3.70 25.05 5.13
C LYS C 11 4.50 23.99 4.41
N GLY C 12 4.35 22.76 4.82
CA GLY C 12 5.02 21.65 4.18
C GLY C 12 6.31 21.21 4.83
N PHE C 13 6.59 21.64 6.07
CA PHE C 13 7.79 21.26 6.79
C PHE C 13 7.42 20.52 8.07
N SER C 14 8.36 19.70 8.54
CA SER C 14 8.17 18.93 9.76
C SER C 14 9.52 18.77 10.44
N SER C 15 9.49 18.12 11.60
CA SER C 15 10.65 17.98 12.47
C SER C 15 11.02 16.51 12.63
N THR C 16 12.32 16.24 12.70
CA THR C 16 12.78 14.96 13.21
C THR C 16 12.80 15.00 14.73
N PHE C 17 13.06 13.84 15.35
CA PHE C 17 13.13 13.82 16.80
C PHE C 17 14.40 14.48 17.32
N THR C 18 15.35 14.81 16.46
CA THR C 18 16.54 15.57 16.83
C THR C 18 16.38 17.08 16.64
N GLY C 19 15.21 17.54 16.21
CA GLY C 19 14.98 18.96 16.05
C GLY C 19 15.23 19.55 14.69
N GLU C 20 15.66 18.74 13.72
CA GLU C 20 15.88 19.25 12.37
C GLU C 20 14.55 19.47 11.69
N ARG C 21 14.43 20.59 10.98
CA ARG C 21 13.22 20.88 10.21
C ARG C 21 13.53 20.66 8.73
N ARG C 22 12.74 19.81 8.09
CA ARG C 22 12.89 19.41 6.71
C ARG C 22 11.54 19.46 6.00
N PRO C 23 11.54 19.62 4.68
CA PRO C 23 10.28 19.50 3.93
C PRO C 23 9.72 18.09 4.04
N LYS C 24 8.39 17.99 3.95
CA LYS C 24 7.71 16.72 4.19
C LYS C 24 7.97 15.67 3.12
N ASP C 25 8.59 16.02 1.99
CA ASP C 25 8.95 15.04 0.99
C ASP C 25 10.32 14.43 1.21
N ASP C 26 10.98 14.76 2.31
CA ASP C 26 12.31 14.23 2.61
C ASP C 26 12.26 12.72 2.81
N GLN C 27 13.41 12.07 2.55
N GLN C 27 13.38 12.04 2.57
CA GLN C 27 13.53 10.62 2.65
CA GLN C 27 13.34 10.57 2.61
C GLN C 27 13.10 10.08 4.01
C GLN C 27 13.12 10.04 4.03
N VAL C 28 13.44 10.81 5.07
CA VAL C 28 13.13 10.33 6.42
C VAL C 28 11.62 10.19 6.61
N PHE C 29 10.85 11.15 6.09
CA PHE C 29 9.41 11.09 6.24
C PHE C 29 8.79 10.06 5.31
N GLU C 30 9.39 9.84 4.13
CA GLU C 30 8.94 8.75 3.27
C GLU C 30 9.13 7.40 3.95
N ALA C 31 10.29 7.21 4.60
CA ALA C 31 10.58 5.95 5.26
C ALA C 31 9.68 5.72 6.47
N VAL C 32 9.53 6.75 7.31
CA VAL C 32 8.69 6.62 8.49
C VAL C 32 7.23 6.39 8.09
N GLY C 33 6.76 7.11 7.06
CA GLY C 33 5.39 6.94 6.62
C GLY C 33 5.12 5.56 6.04
N THR C 34 6.10 5.00 5.32
CA THR C 34 5.89 3.65 4.80
C THR C 34 5.95 2.61 5.91
N THR C 35 6.77 2.82 6.93
CA THR C 35 6.73 1.92 8.09
C THR C 35 5.36 1.98 8.77
N ASP C 36 4.80 3.19 8.88
CA ASP C 36 3.44 3.34 9.42
C ASP C 36 2.42 2.61 8.58
N GLU C 37 2.53 2.71 7.26
CA GLU C 37 1.62 2.01 6.37
C GLU C 37 1.70 0.49 6.55
N LEU C 38 2.92 -0.03 6.69
CA LEU C 38 3.11 -1.46 6.94
C LEU C 38 2.43 -1.87 8.23
N SER C 39 2.65 -1.10 9.30
CA SER C 39 2.05 -1.45 10.57
C SER C 39 0.52 -1.44 10.49
N SER C 40 -0.05 -0.50 9.72
CA SER C 40 -1.51 -0.43 9.60
C SER C 40 -2.06 -1.60 8.79
N ALA C 41 -1.36 -2.00 7.74
CA ALA C 41 -1.77 -3.19 6.99
C ALA C 41 -1.74 -4.43 7.89
N ILE C 42 -0.70 -4.53 8.73
CA ILE C 42 -0.64 -5.64 9.67
C ILE C 42 -1.81 -5.58 10.65
N GLY C 43 -2.19 -4.37 11.06
CA GLY C 43 -3.34 -4.23 11.95
C GLY C 43 -4.62 -4.76 11.34
N PHE C 44 -4.87 -4.43 10.07
CA PHE C 44 -6.08 -4.94 9.42
C PHE C 44 -6.04 -6.46 9.28
N ALA C 45 -4.89 -6.99 8.82
CA ALA C 45 -4.74 -8.44 8.75
C ALA C 45 -5.01 -9.08 10.10
N LEU C 46 -4.54 -8.45 11.18
CA LEU C 46 -4.79 -8.94 12.53
C LEU C 46 -6.28 -8.93 12.86
N GLU C 47 -7.01 -7.91 12.37
CA GLU C 47 -8.44 -7.92 12.59
C GLU C 47 -9.13 -9.04 11.82
N LEU C 48 -8.47 -9.60 10.81
CA LEU C 48 -9.07 -10.78 10.20
C LEU C 48 -8.70 -12.06 10.96
N VAL C 49 -7.57 -12.03 11.67
CA VAL C 49 -7.01 -13.20 12.35
C VAL C 49 -7.69 -13.53 13.68
N THR C 50 -8.31 -12.55 14.32
CA THR C 50 -8.74 -12.61 15.71
C THR C 50 -9.90 -13.65 15.96
N GLU C 51 -10.31 -14.33 14.91
CA GLU C 51 -11.34 -15.34 15.09
C GLU C 51 -10.78 -16.68 15.67
N LYS C 52 -9.82 -17.29 15.02
CA LYS C 52 -9.29 -18.60 15.41
C LYS C 52 -7.82 -18.55 15.83
N GLY C 53 -6.91 -18.59 14.86
CA GLY C 53 -5.46 -18.58 15.05
C GLY C 53 -4.97 -17.80 16.25
N HIS C 54 -4.17 -18.45 17.11
CA HIS C 54 -3.76 -17.84 18.36
C HIS C 54 -2.38 -17.19 18.37
N THR C 55 -1.34 -18.01 18.45
CA THR C 55 0.01 -17.51 18.74
C THR C 55 0.49 -16.48 17.71
N PHE C 56 0.24 -16.72 16.42
CA PHE C 56 0.78 -15.80 15.43
C PHE C 56 0.11 -14.44 15.49
N ALA C 57 -1.04 -14.32 16.15
CA ALA C 57 -1.60 -13.00 16.42
C ALA C 57 -0.74 -12.24 17.41
N GLU C 58 -0.30 -12.91 18.48
CA GLU C 58 0.68 -12.33 19.40
C GLU C 58 1.93 -11.92 18.65
N GLU C 59 2.37 -12.77 17.72
CA GLU C 59 3.58 -12.45 16.95
C GLU C 59 3.39 -11.20 16.09
N LEU C 60 2.23 -11.07 15.44
CA LEU C 60 1.98 -9.89 14.62
C LEU C 60 1.93 -8.62 15.47
N GLN C 61 1.38 -8.72 16.68
CA GLN C 61 1.35 -7.53 17.55
C GLN C 61 2.76 -7.16 18.01
N LYS C 62 3.58 -8.15 18.36
CA LYS C 62 4.98 -7.87 18.68
C LYS C 62 5.68 -7.19 17.51
N ILE C 63 5.40 -7.64 16.29
CA ILE C 63 5.99 -7.01 15.10
C ILE C 63 5.55 -5.55 15.00
N GLN C 64 4.28 -5.26 15.32
CA GLN C 64 3.84 -3.86 15.31
C GLN C 64 4.61 -3.01 16.31
N CYS C 65 4.84 -3.55 17.51
CA CYS C 65 5.65 -2.84 18.50
C CYS C 65 7.06 -2.58 17.97
N THR C 66 7.67 -3.61 17.39
CA THR C 66 9.01 -3.44 16.82
C THR C 66 9.00 -2.38 15.73
N LEU C 67 7.92 -2.30 14.94
CA LEU C 67 7.83 -1.28 13.89
C LEU C 67 7.72 0.11 14.46
N GLN C 68 7.06 0.26 15.62
CA GLN C 68 7.09 1.56 16.30
C GLN C 68 8.52 1.91 16.69
N ASP C 69 9.30 0.91 17.13
CA ASP C 69 10.70 1.18 17.46
C ASP C 69 11.52 1.56 16.22
N VAL C 70 11.27 0.91 15.07
CA VAL C 70 12.04 1.31 13.88
C VAL C 70 11.62 2.70 13.44
N GLY C 71 10.34 3.06 13.63
CA GLY C 71 9.93 4.42 13.36
C GLY C 71 10.68 5.43 14.22
N SER C 72 10.90 5.09 15.49
CA SER C 72 11.70 5.95 16.35
C SER C 72 13.15 6.05 15.85
N ALA C 73 13.70 4.92 15.39
CA ALA C 73 15.07 4.93 14.88
C ALA C 73 15.20 5.82 13.64
N LEU C 74 14.28 5.68 12.69
CA LEU C 74 14.35 6.46 11.46
C LEU C 74 14.19 7.95 11.71
N ALA C 75 13.47 8.34 12.76
CA ALA C 75 13.25 9.75 13.05
C ALA C 75 14.40 10.39 13.80
N THR C 76 15.43 9.62 14.19
CA THR C 76 16.60 10.12 14.90
C THR C 76 17.82 9.91 14.02
N PRO C 77 18.08 10.81 13.07
CA PRO C 77 19.25 10.65 12.21
C PRO C 77 20.55 10.66 13.02
N CYS C 78 21.46 9.78 12.64
CA CYS C 78 22.69 9.58 13.41
C CYS C 78 23.58 10.81 13.37
N SER C 79 23.57 11.56 12.26
CA SER C 79 24.41 12.74 12.16
C SER C 79 24.06 13.80 13.20
N SER C 80 22.78 13.92 13.56
CA SER C 80 22.31 14.88 14.57
C SER C 80 22.10 14.29 15.96
N ALA C 81 22.22 12.97 16.14
CA ALA C 81 21.88 12.35 17.42
C ALA C 81 22.88 12.66 18.53
N ARG C 82 22.38 13.30 19.60
CA ARG C 82 23.11 13.52 20.85
C ARG C 82 23.14 12.25 21.71
N GLU C 83 23.73 12.38 22.90
CA GLU C 83 23.89 11.24 23.80
C GLU C 83 22.57 10.69 24.30
N ALA C 84 21.61 11.56 24.61
CA ALA C 84 20.34 11.07 25.14
C ALA C 84 19.50 10.38 24.07
N HIS C 85 19.93 10.42 22.81
CA HIS C 85 19.24 9.75 21.72
C HIS C 85 19.89 8.42 21.36
N LEU C 86 20.81 7.93 22.19
CA LEU C 86 21.57 6.73 21.85
C LEU C 86 20.72 5.47 21.95
N LYS C 87 19.70 5.48 22.80
CA LYS C 87 18.84 4.30 22.86
C LYS C 87 18.01 4.15 21.60
N TYR C 88 17.89 5.21 20.80
CA TYR C 88 17.07 5.19 19.60
C TYR C 88 17.87 4.85 18.36
N THR C 89 19.13 5.30 18.32
CA THR C 89 19.97 5.05 17.15
C THR C 89 20.53 3.64 17.16
N THR C 90 20.60 3.00 18.33
CA THR C 90 21.06 1.62 18.42
C THR C 90 19.84 0.72 18.29
N PHE C 91 19.72 0.04 17.16
CA PHE C 91 18.66 -0.94 16.96
C PHE C 91 19.24 -2.33 17.19
N LYS C 92 18.83 -2.97 18.28
CA LYS C 92 19.42 -4.26 18.63
C LYS C 92 18.88 -5.38 17.72
N ALA C 93 19.61 -6.49 17.68
CA ALA C 93 19.34 -7.56 16.73
C ALA C 93 18.34 -8.59 17.25
N GLY C 94 17.96 -8.52 18.52
CA GLY C 94 17.01 -9.45 19.10
C GLY C 94 15.81 -9.77 18.23
N PRO C 95 15.03 -8.76 17.83
CA PRO C 95 13.84 -9.04 17.01
C PRO C 95 14.17 -9.84 15.76
N ILE C 96 15.28 -9.53 15.09
CA ILE C 96 15.64 -10.28 13.89
C ILE C 96 15.74 -11.76 14.21
N LEU C 97 16.48 -12.09 15.27
CA LEU C 97 16.64 -13.49 15.62
C LEU C 97 15.29 -14.12 15.94
N GLU C 98 14.40 -13.36 16.60
CA GLU C 98 13.08 -13.87 16.90
C GLU C 98 12.38 -14.27 15.61
N LEU C 99 12.43 -13.41 14.60
CA LEU C 99 11.81 -13.74 13.32
C LEU C 99 12.35 -15.06 12.78
N GLU C 100 13.68 -15.22 12.82
CA GLU C 100 14.26 -16.44 12.26
C GLU C 100 13.74 -17.64 13.02
N GLN C 101 13.66 -17.50 14.35
CA GLN C 101 13.11 -18.57 15.18
C GLN C 101 11.72 -18.94 14.70
N TRP C 102 10.85 -17.93 14.57
CA TRP C 102 9.48 -18.21 14.17
C TRP C 102 9.43 -18.83 12.79
N ILE C 103 10.26 -18.33 11.87
CA ILE C 103 10.24 -18.88 10.52
C ILE C 103 10.58 -20.36 10.58
N ASP C 104 11.62 -20.70 11.34
CA ASP C 104 12.02 -22.10 11.43
C ASP C 104 10.86 -22.94 11.95
N LYS C 105 10.16 -22.44 12.97
CA LYS C 105 9.04 -23.18 13.51
C LYS C 105 8.05 -23.53 12.42
N TYR C 106 7.59 -22.52 11.66
CA TYR C 106 6.56 -22.78 10.67
C TYR C 106 7.11 -23.65 9.54
N THR C 107 8.40 -23.48 9.22
CA THR C 107 8.97 -24.28 8.15
C THR C 107 8.91 -25.76 8.51
N SER C 108 9.04 -26.10 9.79
CA SER C 108 8.99 -27.51 10.18
C SER C 108 7.60 -28.10 10.00
N GLN C 109 6.57 -27.28 9.85
CA GLN C 109 5.20 -27.79 9.75
C GLN C 109 4.65 -27.75 8.34
N LEU C 110 5.31 -27.08 7.42
CA LEU C 110 4.84 -26.93 6.04
C LEU C 110 5.44 -27.99 5.15
N PRO C 111 4.75 -28.35 4.06
CA PRO C 111 5.39 -29.17 3.04
C PRO C 111 6.44 -28.36 2.29
N PRO C 112 7.46 -29.01 1.75
CA PRO C 112 8.54 -28.28 1.08
C PRO C 112 8.00 -27.58 -0.16
N LEU C 113 8.61 -26.45 -0.49
CA LEU C 113 8.09 -25.58 -1.54
C LEU C 113 8.87 -25.78 -2.82
N THR C 114 8.15 -26.08 -3.90
CA THR C 114 8.74 -26.47 -5.17
C THR C 114 8.49 -25.50 -6.31
N ALA C 115 7.38 -24.77 -6.30
CA ALA C 115 7.02 -23.91 -7.42
C ALA C 115 6.69 -22.51 -6.92
N PHE C 116 6.42 -21.62 -7.87
CA PHE C 116 6.06 -20.25 -7.55
C PHE C 116 4.61 -20.18 -7.07
N ILE C 117 4.36 -19.36 -6.06
CA ILE C 117 3.04 -19.22 -5.45
C ILE C 117 2.45 -17.88 -5.86
N LEU C 118 1.18 -17.89 -6.27
CA LEU C 118 0.42 -16.66 -6.47
C LEU C 118 -0.20 -16.20 -5.15
N PRO C 119 -0.30 -14.89 -4.93
CA PRO C 119 -1.01 -14.40 -3.73
C PRO C 119 -2.42 -14.96 -3.67
N SER C 120 -2.68 -15.76 -2.63
CA SER C 120 -3.92 -16.52 -2.52
C SER C 120 -3.96 -17.26 -1.19
N GLY C 121 -4.91 -18.19 -1.05
CA GLY C 121 -4.94 -19.06 0.11
C GLY C 121 -5.88 -18.66 1.24
N GLY C 122 -6.91 -17.88 0.97
CA GLY C 122 -7.82 -17.43 1.99
C GLY C 122 -7.54 -16.00 2.43
N LYS C 123 -8.48 -15.46 3.21
CA LYS C 123 -8.42 -14.05 3.59
C LYS C 123 -7.15 -13.74 4.36
N ILE C 124 -6.84 -14.53 5.39
CA ILE C 124 -5.63 -14.30 6.19
C ILE C 124 -4.40 -14.34 5.30
N SER C 125 -4.31 -15.37 4.45
CA SER C 125 -3.12 -15.57 3.63
C SER C 125 -2.95 -14.44 2.62
N SER C 126 -4.03 -14.06 1.94
CA SER C 126 -3.95 -12.96 0.97
C SER C 126 -3.59 -11.64 1.64
N ALA C 127 -4.20 -11.37 2.80
CA ALA C 127 -3.86 -10.16 3.54
C ALA C 127 -2.38 -10.15 3.91
N LEU C 128 -1.84 -11.31 4.30
CA LEU C 128 -0.42 -11.37 4.65
C LEU C 128 0.47 -11.21 3.42
N HIS C 129 0.02 -11.67 2.25
CA HIS C 129 0.80 -11.43 1.04
C HIS C 129 0.86 -9.94 0.70
N PHE C 130 -0.27 -9.25 0.88
CA PHE C 130 -0.29 -7.80 0.69
C PHE C 130 0.63 -7.10 1.69
N CYS C 131 0.58 -7.52 2.95
CA CYS C 131 1.50 -7.00 3.96
C CYS C 131 2.95 -7.21 3.55
N ARG C 132 3.25 -8.38 2.96
CA ARG C 132 4.62 -8.66 2.52
C ARG C 132 5.06 -7.69 1.45
N ALA C 133 4.15 -7.34 0.53
CA ALA C 133 4.53 -6.40 -0.52
C ALA C 133 4.76 -5.01 0.05
N VAL C 134 3.95 -4.61 1.03
CA VAL C 134 4.15 -3.31 1.64
C VAL C 134 5.45 -3.29 2.43
N CYS C 135 5.79 -4.42 3.05
CA CYS C 135 7.04 -4.51 3.79
C CYS C 135 8.24 -4.36 2.87
N ARG C 136 8.17 -4.93 1.68
CA ARG C 136 9.29 -4.78 0.75
C ARG C 136 9.40 -3.34 0.25
N ARG C 137 8.26 -2.68 0.05
CA ARG C 137 8.32 -1.26 -0.28
C ARG C 137 8.98 -0.46 0.85
N ALA C 138 8.63 -0.78 2.09
CA ALA C 138 9.27 -0.11 3.22
C ALA C 138 10.77 -0.36 3.26
N GLU C 139 11.19 -1.59 2.95
CA GLU C 139 12.62 -1.87 2.87
C GLU C 139 13.30 -0.98 1.84
N ARG C 140 12.68 -0.84 0.66
CA ARG C 140 13.27 0.05 -0.34
C ARG C 140 13.32 1.49 0.14
N ARG C 141 12.39 1.90 1.00
CA ARG C 141 12.46 3.27 1.51
C ARG C 141 13.53 3.43 2.59
N VAL C 142 13.82 2.38 3.35
CA VAL C 142 14.80 2.47 4.43
C VAL C 142 16.23 2.35 3.90
N VAL C 143 16.43 1.60 2.81
CA VAL C 143 17.81 1.31 2.35
C VAL C 143 18.62 2.58 2.06
N PRO C 144 18.08 3.62 1.42
CA PRO C 144 18.91 4.82 1.18
C PRO C 144 19.42 5.49 2.45
N LEU C 145 18.64 5.47 3.53
CA LEU C 145 19.10 6.04 4.78
C LEU C 145 20.23 5.23 5.39
N VAL C 146 20.16 3.90 5.28
CA VAL C 146 21.22 3.04 5.80
C VAL C 146 22.51 3.23 5.02
N GLN C 147 22.42 3.21 3.69
CA GLN C 147 23.63 3.36 2.89
C GLN C 147 24.21 4.77 2.96
N MET C 148 23.52 5.67 3.67
CA MET C 148 23.99 7.02 3.94
C MET C 148 24.62 7.16 5.32
N GLY C 149 24.57 6.11 6.15
CA GLY C 149 25.06 6.16 7.51
C GLY C 149 24.14 6.83 8.51
N GLU C 150 22.88 7.04 8.17
CA GLU C 150 21.94 7.73 9.05
C GLU C 150 21.09 6.79 9.89
N THR C 151 21.06 5.51 9.56
CA THR C 151 20.19 4.55 10.23
C THR C 151 20.94 3.26 10.45
N ASP C 152 20.74 2.66 11.63
CA ASP C 152 21.35 1.37 11.92
C ASP C 152 20.97 0.35 10.86
N ALA C 153 21.96 -0.43 10.41
CA ALA C 153 21.72 -1.43 9.37
C ALA C 153 20.78 -2.52 9.85
N ASN C 154 20.69 -2.74 11.16
CA ASN C 154 19.77 -3.74 11.69
C ASN C 154 18.33 -3.46 11.34
N VAL C 155 17.97 -2.19 11.07
CA VAL C 155 16.60 -1.88 10.64
C VAL C 155 16.32 -2.50 9.28
N ALA C 156 17.24 -2.31 8.33
CA ALA C 156 17.07 -2.91 7.01
C ALA C 156 17.12 -4.43 7.09
N LYS C 157 18.00 -4.97 7.94
CA LYS C 157 18.03 -6.42 8.13
C LYS C 157 16.70 -6.94 8.66
N PHE C 158 16.12 -6.24 9.63
CA PHE C 158 14.82 -6.63 10.19
C PHE C 158 13.74 -6.65 9.12
N LEU C 159 13.69 -5.60 8.29
CA LEU C 159 12.64 -5.57 7.27
C LEU C 159 12.84 -6.67 6.22
N ASN C 160 14.10 -6.90 5.84
CA ASN C 160 14.39 -7.96 4.88
C ASN C 160 13.94 -9.31 5.41
N ARG C 161 14.18 -9.59 6.70
CA ARG C 161 13.74 -10.86 7.27
C ARG C 161 12.23 -10.90 7.49
N LEU C 162 11.60 -9.77 7.78
CA LEU C 162 10.15 -9.72 7.97
C LEU C 162 9.41 -10.09 6.71
N SER C 163 9.97 -9.74 5.54
CA SER C 163 9.38 -10.19 4.28
C SER C 163 9.21 -11.72 4.27
N ASP C 164 10.26 -12.44 4.68
CA ASP C 164 10.20 -13.89 4.65
C ASP C 164 9.29 -14.44 5.75
N TYR C 165 9.29 -13.80 6.92
CA TYR C 165 8.35 -14.22 7.95
C TYR C 165 6.92 -14.14 7.46
N LEU C 166 6.57 -13.04 6.78
CA LEU C 166 5.19 -12.88 6.32
C LEU C 166 4.85 -13.88 5.23
N PHE C 167 5.79 -14.17 4.33
CA PHE C 167 5.55 -15.21 3.33
C PHE C 167 5.25 -16.56 3.98
N THR C 168 6.09 -16.95 4.94
CA THR C 168 5.91 -18.25 5.58
C THR C 168 4.63 -18.31 6.39
N LEU C 169 4.27 -17.20 7.04
CA LEU C 169 3.04 -17.16 7.82
C LEU C 169 1.81 -17.24 6.93
N ALA C 170 1.85 -16.61 5.76
CA ALA C 170 0.76 -16.78 4.80
C ALA C 170 0.59 -18.24 4.42
N ARG C 171 1.72 -18.92 4.14
CA ARG C 171 1.64 -20.34 3.80
C ARG C 171 1.05 -21.15 4.95
N TYR C 172 1.44 -20.81 6.18
CA TYR C 172 0.95 -21.54 7.36
C TYR C 172 -0.55 -21.33 7.57
N ALA C 173 -1.03 -20.09 7.42
CA ALA C 173 -2.45 -19.82 7.57
C ALA C 173 -3.26 -20.56 6.51
N ALA C 174 -2.77 -20.56 5.26
CA ALA C 174 -3.46 -21.30 4.22
C ALA C 174 -3.52 -22.79 4.53
N MET C 175 -2.41 -23.36 5.04
CA MET C 175 -2.43 -24.77 5.38
C MET C 175 -3.41 -25.08 6.50
N LYS C 176 -3.46 -24.23 7.51
CA LYS C 176 -4.34 -24.50 8.64
C LYS C 176 -5.81 -24.34 8.27
N GLU C 177 -6.12 -23.44 7.34
CA GLU C 177 -7.49 -23.32 6.88
C GLU C 177 -7.89 -24.38 5.86
N GLY C 178 -6.95 -25.20 5.41
CA GLY C 178 -7.23 -26.15 4.36
C GLY C 178 -7.29 -25.55 2.97
N ASN C 179 -6.89 -24.29 2.81
CA ASN C 179 -6.81 -23.68 1.49
C ASN C 179 -5.53 -24.10 0.78
N GLN C 180 -5.67 -24.45 -0.48
CA GLN C 180 -4.50 -24.65 -1.34
C GLN C 180 -4.25 -23.36 -2.09
N GLU C 181 -3.00 -22.92 -2.08
CA GLU C 181 -2.66 -21.71 -2.81
C GLU C 181 -2.68 -21.99 -4.31
N LYS C 182 -2.78 -20.93 -5.08
CA LYS C 182 -2.77 -21.05 -6.53
C LYS C 182 -1.33 -20.93 -6.99
N ILE C 183 -1.01 -21.63 -8.07
CA ILE C 183 0.36 -21.86 -8.48
C ILE C 183 0.57 -21.26 -9.85
N TYR C 184 1.74 -20.66 -10.05
CA TYR C 184 1.99 -19.94 -11.29
C TYR C 184 1.99 -20.93 -12.44
N MET C 185 1.48 -20.50 -13.58
CA MET C 185 1.48 -21.34 -14.77
C MET C 185 1.75 -20.47 -15.99
N LYS C 186 2.68 -20.90 -16.83
CA LYS C 186 3.07 -20.13 -18.00
C LYS C 186 1.91 -20.00 -18.98
N ASN C 187 1.93 -18.93 -19.76
CA ASN C 187 0.99 -18.71 -20.86
C ASN C 187 -0.47 -18.87 -20.43
#